data_4TYT
#
_entry.id   4TYT
#
_cell.length_a   53.079
_cell.length_b   61.358
_cell.length_c   69.416
_cell.angle_alpha   90.00
_cell.angle_beta   93.00
_cell.angle_gamma   90.00
#
_symmetry.space_group_name_H-M   'C 1 2 1'
#
loop_
_entity.id
_entity.type
_entity.pdbx_description
1 polymer 'Beta-lactamase 2'
2 non-polymer 'ZINC ION'
3 non-polymer '(2Z)-2-sulfanyl-3-(2,3,6-trichlorophenyl)prop-2-enoic acid'
4 non-polymer 'SULFATE ION'
5 non-polymer GLYCEROL
6 water water
#
_entity_poly.entity_id   1
_entity_poly.type   'polypeptide(L)'
_entity_poly.pdbx_seq_one_letter_code
;SQKVEKTVIKNETGTISISQLNKNVWVHTELGSFNGEAVPSNGLVLNTSKGLVLVDSSWDDKLTKELIEMVEKKFQKRVT
DVIITHAHADRIGGIKTLKERGIKAHSTALTAELAKKNGYEEPLGDLQTVTNLKFGNMKVETFYPGKGHTEDNIVVWLPQ
YNILVGGCLVKSTSAKDLGNVADAYVNEWSTSIENVLKRYRNINAVVPGHGEVGDKGLLLHTLDLLK
;
_entity_poly.pdbx_strand_id   A
#
# COMPACT_ATOMS: atom_id res chain seq x y z
N GLU A 5 17.51 16.75 -0.74
CA GLU A 5 17.42 15.31 -0.99
C GLU A 5 16.75 14.61 0.20
N LYS A 6 15.88 13.64 -0.10
CA LYS A 6 15.11 12.97 0.94
C LYS A 6 15.95 11.92 1.67
N THR A 7 15.77 11.84 2.99
CA THR A 7 16.50 10.88 3.81
C THR A 7 16.12 9.44 3.46
N VAL A 8 17.14 8.61 3.22
CA VAL A 8 16.95 7.19 2.88
C VAL A 8 17.78 6.33 3.83
N ILE A 9 17.14 5.31 4.40
CA ILE A 9 17.79 4.43 5.38
C ILE A 9 17.56 2.97 5.01
N LYS A 10 18.66 2.21 5.00
CA LYS A 10 18.62 0.81 4.58
C LYS A 10 18.90 -0.15 5.73
N ASN A 11 18.44 -1.39 5.59
CA ASN A 11 18.75 -2.43 6.57
C ASN A 11 20.20 -2.90 6.46
N THR A 13 21.43 -5.27 4.71
CA THR A 13 21.66 -5.95 3.44
C THR A 13 21.34 -5.02 2.26
N GLY A 14 20.28 -4.24 2.41
CA GLY A 14 19.80 -3.39 1.33
C GLY A 14 18.45 -3.84 0.79
N THR A 15 18.00 -5.02 1.23
CA THR A 15 16.72 -5.54 0.80
C THR A 15 15.52 -4.77 1.36
N ILE A 16 15.77 -3.95 2.39
CA ILE A 16 14.73 -3.08 2.94
C ILE A 16 15.25 -1.66 3.07
N SER A 17 14.47 -0.73 2.54
CA SER A 17 14.82 0.68 2.54
C SER A 17 13.60 1.53 2.88
N ILE A 18 13.80 2.57 3.69
CA ILE A 18 12.74 3.54 3.95
C ILE A 18 13.19 4.93 3.51
N SER A 19 12.27 5.64 2.84
CA SER A 19 12.54 6.99 2.34
CA SER A 19 12.54 6.99 2.34
C SER A 19 11.53 7.97 2.89
N GLN A 20 12.02 9.10 3.41
CA GLN A 20 11.16 10.07 4.06
C GLN A 20 10.50 11.01 3.06
N LEU A 21 9.16 11.07 3.11
CA LEU A 21 8.38 12.02 2.32
C LEU A 21 8.13 13.28 3.12
N ASN A 22 7.88 13.11 4.41
CA ASN A 22 7.79 14.24 5.32
C ASN A 22 8.05 13.80 6.76
N LYS A 23 7.80 14.71 7.71
CA LYS A 23 8.12 14.48 9.11
C LYS A 23 7.63 13.13 9.63
N ASN A 24 6.43 12.74 9.21
CA ASN A 24 5.78 11.55 9.77
C ASN A 24 5.38 10.51 8.74
N VAL A 25 5.78 10.71 7.49
CA VAL A 25 5.43 9.78 6.41
C VAL A 25 6.68 9.33 5.66
N TRP A 26 6.88 8.01 5.63
CA TRP A 26 7.97 7.39 4.91
C TRP A 26 7.41 6.34 3.95
N VAL A 27 8.14 6.10 2.86
CA VAL A 27 7.87 4.97 1.98
C VAL A 27 8.78 3.81 2.38
N HIS A 28 8.23 2.60 2.54
CA HIS A 28 9.07 1.43 2.73
C HIS A 28 9.11 0.62 1.44
N THR A 29 10.30 0.14 1.10
CA THR A 29 10.52 -0.59 -0.13
C THR A 29 11.33 -1.84 0.14
N GLU A 30 10.80 -3.00 -0.28
CA GLU A 30 11.51 -4.26 -0.12
C GLU A 30 11.75 -4.96 -1.44
N LEU A 31 12.85 -5.72 -1.50
CA LEU A 31 13.18 -6.53 -2.66
C LEU A 31 12.73 -7.97 -2.45
N GLY A 32 11.83 -8.44 -3.30
CA GLY A 32 11.35 -9.81 -3.25
C GLY A 32 11.56 -10.56 -4.56
N SER A 33 11.21 -11.84 -4.54
CA SER A 33 11.19 -12.67 -5.75
C SER A 33 12.51 -12.66 -6.52
N ALA A 38 13.87 -10.62 -9.37
CA ALA A 38 13.95 -9.54 -8.39
C ALA A 38 12.94 -8.44 -8.71
N VAL A 39 12.08 -8.14 -7.74
CA VAL A 39 11.01 -7.16 -7.91
C VAL A 39 10.87 -6.29 -6.66
N PRO A 40 11.08 -4.97 -6.79
CA PRO A 40 10.83 -4.10 -5.64
C PRO A 40 9.34 -3.84 -5.44
N SER A 41 8.98 -3.52 -4.19
CA SER A 41 7.60 -3.27 -3.80
C SER A 41 7.58 -2.13 -2.78
N ASN A 42 6.54 -1.28 -2.84
CA ASN A 42 6.40 -0.16 -1.91
C ASN A 42 5.20 -0.26 -1.00
N GLY A 43 5.38 0.26 0.22
CA GLY A 43 4.29 0.56 1.10
C GLY A 43 4.61 1.87 1.80
N LEU A 44 3.87 2.16 2.87
CA LEU A 44 4.02 3.38 3.63
C LEU A 44 4.25 3.08 5.11
N VAL A 45 5.04 3.92 5.76
CA VAL A 45 5.20 3.92 7.21
C VAL A 45 4.70 5.25 7.74
N LEU A 46 3.71 5.20 8.63
CA LEU A 46 3.17 6.39 9.26
C LEU A 46 3.60 6.47 10.72
N ASN A 47 4.40 7.51 11.03
CA ASN A 47 4.85 7.74 12.39
C ASN A 47 3.87 8.63 13.13
N THR A 48 3.07 8.01 14.01
CA THR A 48 2.02 8.73 14.72
C THR A 48 2.31 8.73 16.21
N SER A 49 1.53 9.52 16.94
CA SER A 49 1.74 9.68 18.38
C SER A 49 1.22 8.49 19.17
N LYS A 50 0.52 7.59 18.50
CA LYS A 50 -0.04 6.41 19.15
C LYS A 50 0.57 5.13 18.61
N GLY A 51 1.59 5.26 17.76
CA GLY A 51 2.29 4.10 17.23
C GLY A 51 2.57 4.21 15.75
N LEU A 52 3.23 3.20 15.21
CA LEU A 52 3.50 3.13 13.78
C LEU A 52 2.35 2.41 13.07
N VAL A 53 1.94 2.98 11.95
CA VAL A 53 0.94 2.38 11.07
C VAL A 53 1.56 2.17 9.70
N LEU A 54 1.44 0.95 9.18
CA LEU A 54 1.92 0.65 7.83
C LEU A 54 0.79 0.59 6.83
N VAL A 55 1.04 1.09 5.62
CA VAL A 55 0.23 0.72 4.48
C VAL A 55 0.97 -0.41 3.78
N ASP A 56 0.37 -1.60 3.86
CA ASP A 56 0.85 -2.85 3.29
C ASP A 56 2.04 -3.47 4.04
N SER A 57 2.14 -4.80 3.99
CA SER A 57 3.23 -5.52 4.65
C SER A 57 4.29 -5.76 3.58
N SER A 58 4.76 -6.99 3.39
CA SER A 58 5.77 -7.25 2.36
C SER A 58 5.63 -8.68 1.85
N TRP A 59 6.56 -9.05 0.97
CA TRP A 59 6.47 -10.27 0.18
C TRP A 59 6.27 -11.54 1.00
N ASP A 60 6.87 -11.59 2.18
CA ASP A 60 6.82 -12.78 3.02
C ASP A 60 6.97 -12.39 4.51
N ASP A 61 6.94 -13.38 5.39
CA ASP A 61 7.04 -13.08 6.81
C ASP A 61 8.46 -12.64 7.21
N LYS A 62 9.47 -13.19 6.54
CA LYS A 62 10.84 -12.80 6.85
C LYS A 62 11.06 -11.30 6.63
N LEU A 63 10.65 -10.79 5.47
CA LEU A 63 10.78 -9.37 5.17
C LEU A 63 9.90 -8.51 6.07
N THR A 64 8.69 -8.98 6.37
CA THR A 64 7.76 -8.23 7.19
C THR A 64 8.29 -8.10 8.64
N LYS A 65 8.86 -9.18 9.15
CA LYS A 65 9.48 -9.13 10.48
C LYS A 65 10.62 -8.11 10.53
N GLU A 66 11.49 -8.15 9.53
CA GLU A 66 12.63 -7.24 9.44
CA GLU A 66 12.63 -7.25 9.47
C GLU A 66 12.17 -5.79 9.30
N LEU A 67 11.11 -5.59 8.53
CA LEU A 67 10.55 -4.26 8.34
C LEU A 67 10.04 -3.68 9.65
N ILE A 68 9.23 -4.47 10.36
CA ILE A 68 8.63 -4.03 11.62
C ILE A 68 9.75 -3.70 12.60
N GLU A 69 10.71 -4.60 12.73
CA GLU A 69 11.78 -4.43 13.69
C GLU A 69 12.65 -3.22 13.35
N MET A 70 12.83 -2.93 12.07
CA MET A 70 13.59 -1.77 11.67
C MET A 70 12.90 -0.48 12.11
N VAL A 71 11.60 -0.37 11.85
CA VAL A 71 10.90 0.89 12.11
C VAL A 71 10.61 1.05 13.60
N GLU A 72 10.35 -0.05 14.29
CA GLU A 72 10.11 0.03 15.73
C GLU A 72 11.36 0.54 16.44
N LYS A 73 12.53 0.08 16.01
CA LYS A 73 13.77 0.53 16.62
C LYS A 73 14.03 2.00 16.29
N LYS A 74 13.89 2.36 15.02
CA LYS A 74 14.18 3.73 14.59
C LYS A 74 13.25 4.75 15.25
N PHE A 75 11.94 4.51 15.17
CA PHE A 75 10.98 5.51 15.65
C PHE A 75 10.59 5.30 17.11
N GLN A 76 11.12 4.24 17.72
CA GLN A 76 10.95 3.98 19.15
C GLN A 76 9.48 3.96 19.57
N LYS A 77 8.68 3.21 18.82
CA LYS A 77 7.31 2.90 19.20
C LYS A 77 6.90 1.64 18.45
N ARG A 78 5.71 1.12 18.75
CA ARG A 78 5.30 -0.17 18.17
C ARG A 78 4.48 0.02 16.89
N VAL A 79 4.60 -0.95 15.97
CA VAL A 79 3.64 -1.05 14.86
C VAL A 79 2.33 -1.57 15.44
N THR A 80 1.25 -0.82 15.28
CA THR A 80 -0.03 -1.18 15.87
C THR A 80 -1.04 -1.66 14.83
N ASP A 81 -0.94 -1.10 13.63
CA ASP A 81 -1.92 -1.34 12.56
C ASP A 81 -1.25 -1.42 11.21
N VAL A 82 -1.83 -2.22 10.33
CA VAL A 82 -1.44 -2.28 8.94
C VAL A 82 -2.70 -2.25 8.06
N ILE A 83 -2.65 -1.50 6.96
CA ILE A 83 -3.71 -1.50 5.98
C ILE A 83 -3.24 -2.32 4.77
N ILE A 84 -3.98 -3.39 4.48
CA ILE A 84 -3.68 -4.28 3.35
C ILE A 84 -4.52 -3.87 2.14
N THR A 85 -3.86 -3.56 1.01
CA THR A 85 -4.52 -2.90 -0.11
C THR A 85 -4.99 -3.85 -1.24
N HIS A 86 -4.48 -5.08 -1.25
CA HIS A 86 -5.14 -6.19 -1.96
C HIS A 86 -4.48 -7.51 -1.55
N ALA A 87 -4.99 -8.62 -2.07
CA ALA A 87 -4.64 -9.94 -1.55
C ALA A 87 -3.56 -10.67 -2.34
N HIS A 88 -2.64 -9.95 -2.97
CA HIS A 88 -1.45 -10.57 -3.54
C HIS A 88 -0.32 -10.58 -2.51
N ALA A 89 0.65 -11.48 -2.70
CA ALA A 89 1.72 -11.71 -1.75
C ALA A 89 2.56 -10.47 -1.44
N ASP A 90 2.81 -9.61 -2.42
CA ASP A 90 3.64 -8.43 -2.14
C ASP A 90 2.97 -7.58 -1.09
N ARG A 91 1.63 -7.62 -1.03
CA ARG A 91 0.85 -6.86 -0.05
C ARG A 91 0.66 -7.55 1.29
N ILE A 92 0.31 -8.84 1.22
CA ILE A 92 -0.26 -9.57 2.35
C ILE A 92 0.63 -10.72 2.85
N GLY A 93 1.79 -10.88 2.22
CA GLY A 93 2.64 -12.03 2.49
C GLY A 93 3.06 -12.17 3.94
N GLY A 94 3.04 -11.05 4.67
CA GLY A 94 3.44 -11.05 6.06
C GLY A 94 2.29 -11.11 7.05
N ILE A 95 1.11 -11.51 6.58
CA ILE A 95 -0.07 -11.46 7.44
C ILE A 95 0.07 -12.35 8.69
N LYS A 96 0.73 -13.49 8.56
CA LYS A 96 0.96 -14.39 9.69
C LYS A 96 1.74 -13.65 10.78
N THR A 97 2.77 -12.93 10.37
CA THR A 97 3.59 -12.17 11.32
C THR A 97 2.74 -11.12 12.03
N LEU A 98 1.92 -10.39 11.27
CA LEU A 98 1.05 -9.38 11.88
C LEU A 98 0.11 -9.98 12.92
N LYS A 99 -0.59 -11.04 12.55
CA LYS A 99 -1.59 -11.64 13.43
C LYS A 99 -0.98 -12.11 14.74
N GLU A 100 0.17 -12.78 14.65
CA GLU A 100 0.75 -13.42 15.83
C GLU A 100 1.38 -12.37 16.75
N ARG A 101 1.69 -11.20 16.21
CA ARG A 101 2.26 -10.11 17.02
C ARG A 101 1.20 -9.16 17.56
N GLY A 102 -0.07 -9.40 17.22
CA GLY A 102 -1.16 -8.57 17.70
C GLY A 102 -1.25 -7.23 16.98
N ILE A 103 -0.72 -7.20 15.75
CA ILE A 103 -0.85 -6.06 14.85
C ILE A 103 -2.16 -6.16 14.05
N LYS A 104 -3.00 -5.14 14.16
CA LYS A 104 -4.31 -5.15 13.49
C LYS A 104 -4.13 -4.99 12.00
N ALA A 105 -4.63 -5.97 11.24
CA ALA A 105 -4.51 -5.99 9.79
C ALA A 105 -5.85 -5.63 9.16
N HIS A 106 -5.96 -4.38 8.72
CA HIS A 106 -7.18 -3.86 8.15
C HIS A 106 -7.30 -4.20 6.66
N SER A 107 -8.52 -4.43 6.21
CA SER A 107 -8.77 -4.70 4.79
C SER A 107 -10.25 -4.61 4.52
N THR A 108 -10.62 -4.58 3.24
CA THR A 108 -12.01 -4.73 2.88
C THR A 108 -12.43 -6.18 3.11
N ALA A 109 -13.73 -6.41 3.16
CA ALA A 109 -14.22 -7.78 3.28
C ALA A 109 -13.80 -8.61 2.06
N LEU A 110 -13.81 -7.97 0.88
CA LEU A 110 -13.45 -8.69 -0.34
C LEU A 110 -11.98 -9.12 -0.29
N THR A 111 -11.11 -8.22 0.15
CA THR A 111 -9.68 -8.56 0.27
C THR A 111 -9.51 -9.74 1.23
N ALA A 112 -10.23 -9.71 2.35
CA ALA A 112 -10.16 -10.81 3.31
C ALA A 112 -10.64 -12.15 2.71
N GLU A 113 -11.73 -12.10 1.95
CA GLU A 113 -12.29 -13.29 1.33
CA GLU A 113 -12.28 -13.29 1.32
C GLU A 113 -11.29 -13.91 0.35
N LEU A 114 -10.70 -13.06 -0.48
CA LEU A 114 -9.73 -13.51 -1.46
C LEU A 114 -8.49 -14.06 -0.78
N ALA A 115 -8.08 -13.40 0.30
CA ALA A 115 -6.94 -13.86 1.08
C ALA A 115 -7.19 -15.30 1.57
N LYS A 116 -8.38 -15.51 2.15
CA LYS A 116 -8.74 -16.83 2.67
C LYS A 116 -8.79 -17.86 1.56
N LYS A 117 -9.37 -17.47 0.44
CA LYS A 117 -9.50 -18.35 -0.72
C LYS A 117 -8.12 -18.81 -1.21
N ASN A 118 -7.13 -17.94 -1.07
CA ASN A 118 -5.78 -18.23 -1.55
C ASN A 118 -4.86 -18.75 -0.45
N GLY A 119 -5.43 -19.03 0.72
CA GLY A 119 -4.71 -19.75 1.76
C GLY A 119 -3.91 -18.87 2.72
N TYR A 120 -4.12 -17.57 2.66
CA TYR A 120 -3.47 -16.67 3.60
C TYR A 120 -4.36 -16.49 4.83
N GLU A 121 -3.75 -16.14 5.95
CA GLU A 121 -4.51 -15.83 7.13
C GLU A 121 -5.32 -14.56 6.84
N GLU A 122 -6.46 -14.43 7.52
CA GLU A 122 -7.43 -13.41 7.20
C GLU A 122 -7.18 -12.08 7.90
N PRO A 123 -7.15 -10.97 7.13
CA PRO A 123 -7.23 -9.66 7.76
C PRO A 123 -8.67 -9.37 8.18
N LEU A 124 -8.90 -8.20 8.75
CA LEU A 124 -10.13 -7.92 9.49
C LEU A 124 -11.39 -7.76 8.65
N GLY A 125 -11.26 -7.35 7.39
CA GLY A 125 -12.43 -7.10 6.56
C GLY A 125 -13.29 -5.97 7.08
N ASP A 126 -12.66 -4.96 7.68
CA ASP A 126 -13.39 -3.89 8.34
C ASP A 126 -13.59 -2.63 7.48
N LEU A 127 -12.81 -2.53 6.41
CA LEU A 127 -12.86 -1.36 5.55
C LEU A 127 -14.05 -1.41 4.59
N GLN A 128 -14.76 -0.28 4.51
CA GLN A 128 -15.88 -0.13 3.60
C GLN A 128 -15.38 0.48 2.29
N THR A 129 -16.29 1.00 1.47
CA THR A 129 -15.88 1.62 0.22
C THR A 129 -15.06 2.87 0.53
N VAL A 130 -15.53 3.63 1.51
CA VAL A 130 -14.80 4.76 2.08
C VAL A 130 -14.73 4.57 3.60
N THR A 131 -13.51 4.52 4.14
CA THR A 131 -13.33 4.45 5.58
C THR A 131 -12.33 5.50 6.02
N ASN A 132 -12.70 6.23 7.07
CA ASN A 132 -11.83 7.22 7.67
C ASN A 132 -11.35 6.76 9.03
N LEU A 133 -10.02 6.67 9.14
CA LEU A 133 -9.35 6.26 10.35
C LEU A 133 -8.53 7.43 10.89
N LYS A 134 -8.19 7.35 12.17
CA LYS A 134 -7.31 8.33 12.78
C LYS A 134 -6.42 7.64 13.79
N PHE A 135 -5.12 7.80 13.62
CA PHE A 135 -4.13 7.20 14.51
C PHE A 135 -3.31 8.31 15.14
N GLY A 136 -3.57 8.58 16.41
CA GLY A 136 -3.02 9.76 17.05
C GLY A 136 -3.58 10.97 16.34
N ASN A 137 -2.70 11.77 15.73
CA ASN A 137 -3.13 12.91 14.92
C ASN A 137 -3.18 12.58 13.43
N MET A 138 -2.74 11.38 13.06
CA MET A 138 -2.63 10.99 11.65
C MET A 138 -3.97 10.55 11.07
N LYS A 139 -4.49 11.31 10.11
CA LYS A 139 -5.73 10.98 9.43
C LYS A 139 -5.43 10.11 8.21
N VAL A 140 -6.21 9.04 8.07
CA VAL A 140 -6.05 8.10 6.97
C VAL A 140 -7.43 7.77 6.39
N GLU A 141 -7.58 7.96 5.08
CA GLU A 141 -8.78 7.54 4.39
C GLU A 141 -8.45 6.39 3.45
N THR A 142 -9.28 5.35 3.47
CA THR A 142 -9.18 4.25 2.51
C THR A 142 -10.35 4.32 1.54
N PHE A 143 -10.10 4.00 0.28
CA PHE A 143 -11.08 4.19 -0.77
C PHE A 143 -11.01 3.04 -1.74
N TYR A 144 -12.15 2.39 -1.97
CA TYR A 144 -12.27 1.36 -3.01
C TYR A 144 -12.82 1.99 -4.29
N PRO A 145 -11.97 2.12 -5.33
CA PRO A 145 -12.41 2.84 -6.53
C PRO A 145 -13.05 1.97 -7.60
N GLY A 146 -13.10 0.67 -7.33
CA GLY A 146 -13.49 -0.30 -8.34
C GLY A 146 -12.35 -1.23 -8.74
N LYS A 147 -12.63 -2.12 -9.67
CA LYS A 147 -11.68 -3.14 -10.06
C LYS A 147 -10.63 -2.57 -11.01
N GLY A 148 -9.43 -3.14 -10.95
CA GLY A 148 -8.36 -2.71 -11.84
C GLY A 148 -7.26 -3.74 -11.91
N HIS A 149 -6.15 -3.46 -11.21
CA HIS A 149 -5.08 -4.44 -11.08
C HIS A 149 -5.61 -5.75 -10.49
N THR A 150 -6.49 -5.63 -9.51
CA THR A 150 -7.27 -6.77 -9.00
C THR A 150 -8.68 -6.31 -8.74
N GLU A 151 -9.57 -7.25 -8.43
CA GLU A 151 -10.96 -6.87 -8.20
CA GLU A 151 -10.97 -6.93 -8.16
C GLU A 151 -11.12 -6.11 -6.89
N ASP A 152 -10.16 -6.27 -5.97
CA ASP A 152 -10.29 -5.75 -4.61
C ASP A 152 -9.39 -4.54 -4.27
N ASN A 153 -8.51 -4.13 -5.18
CA ASN A 153 -7.52 -3.10 -4.87
C ASN A 153 -8.12 -1.80 -4.33
N ILE A 154 -7.55 -1.33 -3.22
CA ILE A 154 -7.94 -0.05 -2.65
C ILE A 154 -6.78 0.93 -2.69
N VAL A 155 -7.10 2.22 -2.58
CA VAL A 155 -6.08 3.24 -2.41
C VAL A 155 -6.20 3.84 -1.02
N VAL A 156 -5.12 4.48 -0.58
CA VAL A 156 -5.05 5.12 0.72
C VAL A 156 -4.68 6.58 0.52
N TRP A 157 -5.42 7.45 1.21
CA TRP A 157 -5.28 8.90 1.11
C TRP A 157 -4.94 9.48 2.46
N LEU A 158 -3.91 10.32 2.50
CA LEU A 158 -3.57 11.09 3.68
C LEU A 158 -4.01 12.54 3.46
N PRO A 159 -5.20 12.90 3.97
CA PRO A 159 -5.74 14.23 3.66
C PRO A 159 -4.91 15.38 4.22
N GLN A 160 -4.09 15.14 5.24
CA GLN A 160 -3.30 16.22 5.81
C GLN A 160 -2.09 16.54 4.94
N TYR A 161 -1.79 15.68 3.97
CA TYR A 161 -0.62 15.85 3.11
C TYR A 161 -0.95 15.80 1.61
N ASN A 162 -2.19 15.47 1.31
CA ASN A 162 -2.62 15.12 -0.05
C ASN A 162 -1.65 14.14 -0.70
N ILE A 163 -1.33 13.09 0.06
CA ILE A 163 -0.52 12.00 -0.42
C ILE A 163 -1.43 10.81 -0.70
N LEU A 164 -1.31 10.28 -1.91
CA LEU A 164 -2.07 9.12 -2.33
C LEU A 164 -1.17 7.91 -2.46
N VAL A 165 -1.54 6.82 -1.78
CA VAL A 165 -0.91 5.53 -1.97
C VAL A 165 -1.74 4.80 -3.00
N GLY A 166 -1.24 4.76 -4.23
CA GLY A 166 -2.00 4.17 -5.31
C GLY A 166 -1.98 2.65 -5.27
N GLY A 167 -0.95 2.08 -4.65
CA GLY A 167 -0.78 0.64 -4.67
C GLY A 167 -0.66 0.14 -6.11
N CYS A 168 -0.98 -1.12 -6.33
CA CYS A 168 -0.64 -1.75 -7.59
C CYS A 168 -1.65 -1.41 -8.69
N LEU A 169 -2.73 -0.73 -8.30
CA LEU A 169 -3.62 -0.06 -9.22
C LEU A 169 -2.89 1.00 -10.07
N VAL A 170 -1.84 1.58 -9.50
CA VAL A 170 -1.11 2.68 -10.15
C VAL A 170 0.30 2.22 -10.55
N LYS A 171 0.60 2.36 -11.83
CA LYS A 171 1.89 2.00 -12.40
C LYS A 171 2.89 3.17 -12.35
N SER A 172 4.15 2.85 -12.08
CA SER A 172 5.21 3.85 -12.03
C SER A 172 5.66 4.20 -13.43
N THR A 173 6.43 5.27 -13.56
CA THR A 173 6.90 5.72 -14.87
C THR A 173 7.71 4.63 -15.57
N SER A 174 8.44 3.83 -14.78
CA SER A 174 9.31 2.82 -15.33
C SER A 174 8.52 1.62 -15.87
N ALA A 175 7.26 1.50 -15.47
CA ALA A 175 6.42 0.43 -15.99
C ALA A 175 5.95 0.78 -17.39
N LYS A 176 6.30 -0.08 -18.34
CA LYS A 176 5.96 0.14 -19.75
C LYS A 176 4.81 -0.75 -20.19
N ASP A 177 4.26 -1.51 -19.25
CA ASP A 177 3.10 -2.35 -19.52
C ASP A 177 2.36 -2.56 -18.21
N LEU A 178 1.23 -3.25 -18.28
CA LEU A 178 0.38 -3.40 -17.10
C LEU A 178 0.87 -4.49 -16.17
N GLY A 179 1.87 -5.25 -16.60
CA GLY A 179 2.39 -6.33 -15.78
C GLY A 179 1.47 -7.54 -15.83
N ASN A 180 1.42 -8.32 -14.75
CA ASN A 180 0.59 -9.51 -14.75
C ASN A 180 -0.87 -9.12 -14.59
N VAL A 181 -1.68 -9.43 -15.61
CA VAL A 181 -3.09 -9.06 -15.61
C VAL A 181 -4.01 -10.27 -15.40
N ALA A 182 -3.46 -11.37 -14.87
CA ALA A 182 -4.23 -12.59 -14.65
C ALA A 182 -5.44 -12.34 -13.75
N ASP A 183 -5.25 -11.50 -12.73
CA ASP A 183 -6.32 -11.17 -11.78
C ASP A 183 -6.91 -9.81 -12.02
N ALA A 184 -6.63 -9.21 -13.18
CA ALA A 184 -6.97 -7.82 -13.45
C ALA A 184 -8.25 -7.69 -14.26
N TYR A 185 -8.77 -6.46 -14.29
CA TYR A 185 -9.99 -6.14 -15.00
C TYR A 185 -9.72 -4.93 -15.87
N VAL A 186 -9.13 -5.18 -17.03
CA VAL A 186 -8.55 -4.10 -17.83
C VAL A 186 -9.60 -3.18 -18.44
N ASN A 187 -10.86 -3.60 -18.47
CA ASN A 187 -11.93 -2.78 -19.03
CA ASN A 187 -11.92 -2.76 -19.02
C ASN A 187 -12.58 -1.90 -17.96
N GLU A 188 -12.32 -2.21 -16.69
CA GLU A 188 -12.82 -1.41 -15.58
C GLU A 188 -11.72 -0.57 -14.93
N TRP A 189 -10.47 -0.97 -15.17
CA TRP A 189 -9.32 -0.35 -14.54
C TRP A 189 -9.28 1.15 -14.82
N SER A 190 -9.63 1.55 -16.05
CA SER A 190 -9.64 2.97 -16.41
C SER A 190 -10.65 3.76 -15.60
N THR A 191 -11.87 3.23 -15.50
CA THR A 191 -12.93 3.90 -14.74
C THR A 191 -12.51 4.03 -13.26
N SER A 192 -11.86 3.01 -12.73
CA SER A 192 -11.41 3.03 -11.35
C SER A 192 -10.35 4.12 -11.11
N ILE A 193 -9.42 4.28 -12.05
CA ILE A 193 -8.44 5.36 -11.97
C ILE A 193 -9.16 6.71 -12.02
N GLU A 194 -10.12 6.83 -12.95
CA GLU A 194 -10.89 8.05 -13.05
C GLU A 194 -11.64 8.34 -11.74
N ASN A 195 -12.11 7.30 -11.08
CA ASN A 195 -12.79 7.49 -9.80
C ASN A 195 -11.83 8.08 -8.76
N VAL A 196 -10.57 7.67 -8.82
CA VAL A 196 -9.56 8.20 -7.92
C VAL A 196 -9.30 9.67 -8.27
N LEU A 197 -9.16 9.96 -9.56
CA LEU A 197 -8.91 11.33 -10.02
C LEU A 197 -10.05 12.28 -9.70
N LYS A 198 -11.28 11.77 -9.68
CA LYS A 198 -12.44 12.57 -9.32
C LYS A 198 -12.51 12.85 -7.83
N ARG A 199 -12.13 11.86 -7.02
CA ARG A 199 -12.21 12.01 -5.57
C ARG A 199 -11.10 12.90 -5.04
N TYR A 200 -9.90 12.77 -5.59
CA TYR A 200 -8.74 13.51 -5.13
C TYR A 200 -8.23 14.43 -6.24
N ARG A 201 -8.78 15.63 -6.30
CA ARG A 201 -8.54 16.57 -7.41
C ARG A 201 -7.22 17.34 -7.27
N ASN A 202 -6.64 17.29 -6.06
CA ASN A 202 -5.39 18.00 -5.77
C ASN A 202 -4.46 17.07 -5.02
N ILE A 203 -3.48 16.51 -5.73
CA ILE A 203 -2.59 15.49 -5.20
C ILE A 203 -1.14 15.95 -5.24
N ASN A 204 -0.42 15.74 -4.14
CA ASN A 204 0.96 16.19 -4.03
C ASN A 204 1.96 15.11 -4.43
N ALA A 205 1.75 13.91 -3.93
CA ALA A 205 2.58 12.76 -4.27
C ALA A 205 1.72 11.53 -4.44
N VAL A 206 2.12 10.66 -5.37
CA VAL A 206 1.47 9.38 -5.59
C VAL A 206 2.50 8.28 -5.44
N VAL A 207 2.23 7.35 -4.52
CA VAL A 207 3.12 6.20 -4.30
C VAL A 207 2.55 4.99 -5.03
N PRO A 208 3.29 4.49 -6.05
CA PRO A 208 2.81 3.31 -6.77
C PRO A 208 3.18 2.04 -6.00
N GLY A 209 2.57 0.91 -6.34
CA GLY A 209 2.86 -0.34 -5.67
C GLY A 209 4.29 -0.78 -5.88
N HIS A 210 4.82 -0.45 -7.06
CA HIS A 210 6.18 -0.76 -7.45
C HIS A 210 6.75 0.44 -8.18
N GLY A 211 7.99 0.80 -7.89
CA GLY A 211 8.69 1.83 -8.64
C GLY A 211 8.79 3.15 -7.90
N GLU A 212 9.26 4.17 -8.62
CA GLU A 212 9.54 5.45 -7.99
C GLU A 212 8.25 6.21 -7.67
N VAL A 213 8.31 7.03 -6.62
CA VAL A 213 7.22 7.91 -6.26
C VAL A 213 7.08 8.99 -7.32
N GLY A 214 5.84 9.32 -7.66
CA GLY A 214 5.56 10.35 -8.66
C GLY A 214 4.42 11.21 -8.20
N ASP A 215 3.64 11.71 -9.15
CA ASP A 215 2.49 12.52 -8.84
C ASP A 215 1.28 12.05 -9.65
N LYS A 216 0.31 12.93 -9.85
CA LYS A 216 -0.87 12.62 -10.64
C LYS A 216 -0.51 12.02 -12.01
N GLY A 217 0.66 12.39 -12.51
CA GLY A 217 1.13 11.86 -13.79
C GLY A 217 1.11 10.33 -13.85
N LEU A 218 1.31 9.68 -12.70
CA LEU A 218 1.31 8.21 -12.67
C LEU A 218 -0.06 7.64 -12.97
N LEU A 219 -1.09 8.38 -12.56
CA LEU A 219 -2.46 7.96 -12.83
C LEU A 219 -2.72 8.09 -14.34
N LEU A 220 -2.26 9.19 -14.92
CA LEU A 220 -2.39 9.39 -16.35
C LEU A 220 -1.57 8.36 -17.13
N HIS A 221 -0.37 8.06 -16.64
CA HIS A 221 0.46 7.03 -17.24
C HIS A 221 -0.27 5.69 -17.26
N THR A 222 -0.94 5.36 -16.15
CA THR A 222 -1.67 4.10 -16.06
C THR A 222 -2.82 4.06 -17.06
N LEU A 223 -3.56 5.17 -17.18
CA LEU A 223 -4.60 5.27 -18.20
C LEU A 223 -4.05 5.02 -19.61
N ASP A 224 -2.87 5.55 -19.90
CA ASP A 224 -2.30 5.33 -21.23
C ASP A 224 -1.94 3.87 -21.46
N LEU A 225 -1.47 3.20 -20.41
CA LEU A 225 -1.07 1.80 -20.53
C LEU A 225 -2.27 0.89 -20.77
N LEU A 226 -3.45 1.39 -20.40
CA LEU A 226 -4.70 0.65 -20.54
C LEU A 226 -5.31 0.78 -21.94
N LYS A 227 -4.66 1.56 -22.80
CA LYS A 227 -5.18 1.73 -24.15
C LYS A 227 -4.64 0.68 -25.11
#